data_4HTU
#
_entry.id   4HTU
#
_cell.length_a   64.075
_cell.length_b   64.756
_cell.length_c   116.469
_cell.angle_alpha   90.00
_cell.angle_beta   90.00
_cell.angle_gamma   90.00
#
_symmetry.space_group_name_H-M   'P 21 21 21'
#
loop_
_entity.id
_entity.type
_entity.pdbx_description
1 polymer 'Ribonuclease H'
2 polymer "DNA (5'-D(*CP*GP*CP*GP*AP*AP*TP*(UCL)P*CP*GP*CP*G)-3')"
3 non-polymer 'MAGNESIUM ION'
4 non-polymer GLYCEROL
5 non-polymer 1,2-ETHANEDIOL
6 water water
#
loop_
_entity_poly.entity_id
_entity_poly.type
_entity_poly.pdbx_seq_one_letter_code
_entity_poly.pdbx_strand_id
1 'polypeptide(L)'
;EEIIWESLSVDVGSQGNPGIVEYKGVDTKTGEVLFEREPIPIGTNNMGEFLAIVHGLRYLKERNSRKPIYSNSQTAIKWV
KDKKAKSTLVRNEETALIWKLVDEAEEWLNTHTYETPILKWQTDKWGEIKADYG
;
A,B
2 'polydeoxyribonucleotide' (DC)(DG)(DC)(DG)(DA)(DA)(DT)(UCL)(DC)(DG)(DC)(DG) C,D,E,F
#
# COMPACT_ATOMS: atom_id res chain seq x y z
N GLU A 1 3.14 30.60 5.80
CA GLU A 1 2.57 29.74 6.83
C GLU A 1 3.66 28.88 7.46
N GLU A 2 3.63 28.78 8.79
CA GLU A 2 4.65 28.02 9.50
C GLU A 2 4.08 26.84 10.29
N ILE A 3 4.96 25.92 10.66
CA ILE A 3 4.55 24.74 11.40
C ILE A 3 4.12 25.11 12.81
N ILE A 4 3.00 24.54 13.26
CA ILE A 4 2.61 24.62 14.65
C ILE A 4 3.07 23.34 15.33
N TRP A 5 4.15 23.42 16.11
CA TRP A 5 4.72 22.22 16.71
C TRP A 5 3.83 21.60 17.77
N GLU A 6 3.06 22.44 18.47
CA GLU A 6 2.12 21.93 19.47
C GLU A 6 0.85 21.48 18.77
N SER A 7 0.91 20.29 18.19
CA SER A 7 -0.14 19.79 17.34
C SER A 7 -0.10 18.27 17.28
N LEU A 8 -1.08 17.70 16.60
CA LEU A 8 -1.14 16.25 16.43
C LEU A 8 -1.06 16.00 14.94
N SER A 9 -0.29 14.99 14.54
CA SER A 9 -0.17 14.64 13.12
C SER A 9 -0.68 13.21 12.93
N VAL A 10 -1.41 12.98 11.85
CA VAL A 10 -1.91 11.65 11.52
C VAL A 10 -1.44 11.18 10.15
N ASP A 11 -1.42 9.86 9.98
CA ASP A 11 -1.10 9.28 8.68
C ASP A 11 -1.50 7.83 8.68
N VAL A 12 -1.59 7.28 7.48
CA VAL A 12 -2.02 5.92 7.23
C VAL A 12 -0.83 5.07 6.78
N GLY A 13 -0.83 3.82 7.20
CA GLY A 13 0.09 2.84 6.64
C GLY A 13 -0.73 1.89 5.81
N SER A 14 -0.48 1.85 4.50
CA SER A 14 -1.22 0.98 3.61
C SER A 14 -0.38 -0.23 3.22
N GLN A 15 -1.05 -1.32 2.91
CA GLN A 15 -0.43 -2.42 2.18
C GLN A 15 -1.31 -2.62 0.97
N GLY A 16 -1.05 -1.79 -0.03
CA GLY A 16 -1.88 -1.71 -1.21
C GLY A 16 -3.00 -0.68 -1.10
N ASN A 17 -3.47 -0.20 -2.26
CA ASN A 17 -4.61 0.70 -2.33
C ASN A 17 -5.55 0.27 -3.45
N PRO A 18 -6.70 -0.36 -3.13
CA PRO A 18 -7.14 -0.73 -1.78
C PRO A 18 -6.27 -1.84 -1.20
N GLY A 19 -6.31 -1.97 0.11
CA GLY A 19 -5.50 -2.95 0.80
C GLY A 19 -5.67 -2.81 2.30
N ILE A 20 -4.77 -3.42 3.07
CA ILE A 20 -4.82 -3.31 4.52
C ILE A 20 -4.54 -1.86 4.88
N VAL A 21 -5.31 -1.36 5.85
CA VAL A 21 -5.20 0.03 6.30
C VAL A 21 -4.95 0.06 7.79
N GLU A 22 -3.92 0.79 8.20
CA GLU A 22 -3.81 1.15 9.60
C GLU A 22 -3.49 2.63 9.69
N TYR A 23 -3.65 3.22 10.86
CA TYR A 23 -3.27 4.62 11.02
C TYR A 23 -2.86 4.92 12.44
N LYS A 24 -2.25 6.07 12.63
CA LYS A 24 -1.91 6.51 13.97
CA LYS A 24 -1.89 6.51 13.97
C LYS A 24 -1.83 8.02 14.04
N GLY A 25 -1.91 8.53 15.27
CA GLY A 25 -1.78 9.94 15.54
C GLY A 25 -0.63 10.11 16.50
N VAL A 26 0.24 11.06 16.20
CA VAL A 26 1.43 11.29 17.03
C VAL A 26 1.60 12.76 17.35
N ASP A 27 2.30 13.03 18.45
CA ASP A 27 2.65 14.39 18.82
C ASP A 27 3.66 14.90 17.77
N THR A 28 3.33 16.02 17.14
CA THR A 28 4.13 16.55 16.04
C THR A 28 5.54 16.90 16.49
N LYS A 29 5.65 17.35 17.72
CA LYS A 29 6.93 17.75 18.28
C LYS A 29 7.75 16.54 18.73
N THR A 30 7.14 15.70 19.57
CA THR A 30 7.89 14.65 20.26
C THR A 30 7.84 13.29 19.57
N GLY A 31 6.83 13.06 18.74
CA GLY A 31 6.71 11.79 18.06
C GLY A 31 5.97 10.75 18.90
N GLU A 32 5.60 11.13 20.12
CA GLU A 32 4.86 10.23 21.00
C GLU A 32 3.60 9.74 20.27
N VAL A 33 3.43 8.42 20.22
CA VAL A 33 2.22 7.87 19.63
C VAL A 33 1.06 8.02 20.61
N LEU A 34 0.02 8.72 20.17
CA LEU A 34 -1.11 9.04 21.04
C LEU A 34 -2.28 8.08 20.82
N PHE A 35 -2.49 7.65 19.58
CA PHE A 35 -3.46 6.60 19.28
C PHE A 35 -3.06 5.84 18.03
N GLU A 36 -3.54 4.61 17.93
CA GLU A 36 -3.28 3.77 16.76
C GLU A 36 -4.51 2.93 16.48
N ARG A 37 -4.75 2.66 15.20
CA ARG A 37 -5.81 1.71 14.81
C ARG A 37 -5.08 0.53 14.23
N GLU A 38 -5.35 -0.65 14.77
CA GLU A 38 -4.79 -1.88 14.22
C GLU A 38 -5.28 -2.13 12.79
N PRO A 39 -4.53 -2.95 12.02
CA PRO A 39 -4.84 -3.19 10.60
C PRO A 39 -6.28 -3.60 10.31
N ILE A 40 -6.90 -2.86 9.40
CA ILE A 40 -8.24 -3.15 8.90
C ILE A 40 -8.01 -3.90 7.59
N PRO A 41 -8.65 -5.07 7.44
CA PRO A 41 -8.21 -5.95 6.35
C PRO A 41 -8.31 -5.38 4.93
N ILE A 42 -9.32 -4.56 4.63
CA ILE A 42 -9.34 -3.87 3.35
C ILE A 42 -10.00 -2.50 3.46
N GLY A 43 -9.39 -1.52 2.82
CA GLY A 43 -9.95 -0.18 2.71
C GLY A 43 -9.10 0.59 1.75
N THR A 44 -9.48 1.82 1.44
CA THR A 44 -8.64 2.68 0.61
C THR A 44 -7.82 3.57 1.51
N ASN A 45 -6.72 4.07 0.96
CA ASN A 45 -5.88 4.99 1.72
C ASN A 45 -6.66 6.23 2.13
N ASN A 46 -7.50 6.72 1.23
CA ASN A 46 -8.36 7.87 1.53
C ASN A 46 -9.29 7.61 2.72
N MET A 47 -9.93 6.45 2.72
CA MET A 47 -10.78 6.09 3.86
C MET A 47 -9.98 6.08 5.16
N GLY A 48 -8.78 5.52 5.13
CA GLY A 48 -7.95 5.50 6.32
C GLY A 48 -7.58 6.89 6.78
N GLU A 49 -7.28 7.79 5.84
CA GLU A 49 -6.89 9.15 6.22
C GLU A 49 -8.06 9.89 6.86
N PHE A 50 -9.27 9.63 6.35
CA PHE A 50 -10.51 10.20 6.90
C PHE A 50 -10.70 9.69 8.33
N LEU A 51 -10.60 8.37 8.53
CA LEU A 51 -10.76 7.79 9.86
C LEU A 51 -9.72 8.36 10.83
N ALA A 52 -8.50 8.55 10.35
CA ALA A 52 -7.43 9.04 11.22
C ALA A 52 -7.71 10.45 11.72
N ILE A 53 -8.20 11.33 10.85
CA ILE A 53 -8.56 12.67 11.28
C ILE A 53 -9.70 12.63 12.29
N VAL A 54 -10.76 11.87 12.00
CA VAL A 54 -11.90 11.84 12.92
C VAL A 54 -11.49 11.25 14.27
N HIS A 55 -10.66 10.21 14.25
CA HIS A 55 -10.16 9.64 15.50
C HIS A 55 -9.41 10.73 16.27
N GLY A 56 -8.59 11.50 15.57
CA GLY A 56 -7.90 12.62 16.19
C GLY A 56 -8.86 13.64 16.81
N LEU A 57 -9.93 13.96 16.09
CA LEU A 57 -10.89 14.92 16.63
C LEU A 57 -11.52 14.38 17.90
N ARG A 58 -11.86 13.10 17.90
CA ARG A 58 -12.48 12.52 19.08
CA ARG A 58 -12.48 12.46 19.07
C ARG A 58 -11.51 12.45 20.25
N TYR A 59 -10.26 12.09 19.97
CA TYR A 59 -9.21 12.07 20.98
C TYR A 59 -8.99 13.45 21.61
N LEU A 60 -8.88 14.47 20.77
CA LEU A 60 -8.62 15.81 21.28
C LEU A 60 -9.80 16.38 22.04
N LYS A 61 -11.00 16.09 21.56
CA LYS A 61 -12.22 16.55 22.27
C LYS A 61 -12.31 15.92 23.64
N GLU A 62 -12.01 14.62 23.75
CA GLU A 62 -12.08 13.92 25.04
C GLU A 62 -11.13 14.55 26.06
N ARG A 63 -9.98 14.98 25.57
CA ARG A 63 -8.95 15.58 26.41
C ARG A 63 -9.11 17.08 26.58
N ASN A 64 -10.13 17.63 25.94
CA ASN A 64 -10.36 19.07 25.91
C ASN A 64 -9.14 19.85 25.43
N SER A 65 -8.44 19.29 24.44
CA SER A 65 -7.26 19.93 23.87
C SER A 65 -7.62 20.85 22.72
N ARG A 66 -6.93 21.98 22.62
CA ARG A 66 -7.13 22.92 21.53
C ARG A 66 -6.08 22.81 20.42
N LYS A 67 -5.20 21.82 20.51
CA LYS A 67 -4.19 21.56 19.48
C LYS A 67 -4.80 21.28 18.12
N PRO A 68 -4.17 21.78 17.04
CA PRO A 68 -4.65 21.43 15.71
C PRO A 68 -4.18 20.04 15.28
N ILE A 69 -4.80 19.54 14.21
CA ILE A 69 -4.43 18.28 13.61
C ILE A 69 -3.83 18.57 12.24
N TYR A 70 -2.70 17.93 11.95
CA TYR A 70 -2.13 17.95 10.59
C TYR A 70 -2.40 16.63 9.87
N SER A 71 -2.85 16.74 8.62
CA SER A 71 -3.00 15.61 7.73
C SER A 71 -2.34 15.95 6.42
N ASN A 72 -1.74 14.98 5.77
CA ASN A 72 -1.19 15.26 4.44
CA ASN A 72 -1.17 15.19 4.43
C ASN A 72 -2.18 14.91 3.32
N SER A 73 -3.43 14.62 3.69
CA SER A 73 -4.42 14.21 2.72
C SER A 73 -5.44 15.31 2.47
N GLN A 74 -5.27 16.06 1.39
CA GLN A 74 -6.24 17.10 1.04
C GLN A 74 -7.64 16.51 0.84
N THR A 75 -7.71 15.31 0.29
CA THR A 75 -9.00 14.63 0.09
C THR A 75 -9.67 14.35 1.42
N ALA A 76 -8.94 13.77 2.37
CA ALA A 76 -9.54 13.45 3.66
C ALA A 76 -9.94 14.70 4.43
N ILE A 77 -9.14 15.76 4.33
CA ILE A 77 -9.49 17.02 4.97
C ILE A 77 -10.83 17.51 4.42
N LYS A 78 -10.98 17.47 3.10
CA LYS A 78 -12.24 17.89 2.49
C LYS A 78 -13.41 17.03 2.95
N TRP A 79 -13.22 15.72 3.00
CA TRP A 79 -14.29 14.84 3.44
C TRP A 79 -14.72 15.16 4.87
N VAL A 80 -13.75 15.41 5.75
CA VAL A 80 -14.10 15.76 7.12
C VAL A 80 -14.86 17.07 7.17
N LYS A 81 -14.38 18.08 6.45
CA LYS A 81 -15.04 19.37 6.50
C LYS A 81 -16.43 19.30 5.86
N ASP A 82 -16.59 18.46 4.85
CA ASP A 82 -17.90 18.25 4.24
C ASP A 82 -18.80 17.37 5.09
N LYS A 83 -18.24 16.73 6.11
CA LYS A 83 -18.92 15.68 6.86
C LYS A 83 -19.47 14.56 5.96
N LYS A 84 -18.70 14.22 4.93
CA LYS A 84 -19.15 13.22 3.96
C LYS A 84 -17.93 12.60 3.29
N ALA A 85 -17.74 11.30 3.51
CA ALA A 85 -16.63 10.57 2.88
C ALA A 85 -17.05 10.03 1.51
N LYS A 86 -16.61 10.72 0.47
CA LYS A 86 -17.02 10.42 -0.90
C LYS A 86 -16.17 9.31 -1.52
N SER A 87 -16.15 8.16 -0.85
CA SER A 87 -15.40 7.01 -1.31
C SER A 87 -16.23 6.17 -2.28
N THR A 88 -15.54 5.60 -3.26
CA THR A 88 -16.16 4.76 -4.28
C THR A 88 -15.98 3.26 -4.00
N LEU A 89 -15.34 2.92 -2.88
CA LEU A 89 -15.08 1.52 -2.57
C LEU A 89 -16.38 0.74 -2.47
N VAL A 90 -16.45 -0.39 -3.17
CA VAL A 90 -17.65 -1.22 -3.15
C VAL A 90 -17.99 -1.61 -1.72
N ARG A 91 -19.28 -1.71 -1.43
CA ARG A 91 -19.72 -2.21 -0.13
C ARG A 91 -20.06 -3.68 -0.28
N ASN A 92 -19.23 -4.55 0.28
CA ASN A 92 -19.53 -5.98 0.34
C ASN A 92 -19.08 -6.54 1.69
N GLU A 93 -19.16 -7.85 1.86
CA GLU A 93 -18.74 -8.46 3.13
C GLU A 93 -17.28 -8.14 3.43
N GLU A 94 -16.46 -8.16 2.39
CA GLU A 94 -15.04 -7.91 2.52
C GLU A 94 -14.76 -6.51 3.07
N THR A 95 -15.51 -5.53 2.58
CA THR A 95 -15.26 -4.14 2.92
C THR A 95 -16.17 -3.67 4.06
N ALA A 96 -16.86 -4.60 4.69
CA ALA A 96 -17.84 -4.23 5.71
C ALA A 96 -17.23 -3.46 6.89
N LEU A 97 -16.06 -3.88 7.35
CA LEU A 97 -15.45 -3.22 8.52
C LEU A 97 -15.06 -1.78 8.21
N ILE A 98 -14.37 -1.55 7.10
CA ILE A 98 -13.93 -0.19 6.80
C ILE A 98 -15.15 0.72 6.61
N TRP A 99 -16.20 0.21 5.99
CA TRP A 99 -17.38 1.02 5.78
C TRP A 99 -18.13 1.27 7.07
N LYS A 100 -18.13 0.29 7.96
CA LYS A 100 -18.72 0.49 9.29
C LYS A 100 -18.01 1.65 10.02
N LEU A 101 -16.69 1.64 9.96
CA LEU A 101 -15.92 2.70 10.63
C LEU A 101 -16.15 4.06 9.97
N VAL A 102 -16.19 4.09 8.64
CA VAL A 102 -16.43 5.35 7.95
C VAL A 102 -17.83 5.88 8.25
N ASP A 103 -18.82 4.99 8.19
CA ASP A 103 -20.18 5.40 8.49
C ASP A 103 -20.28 5.95 9.91
N GLU A 104 -19.59 5.30 10.86
CA GLU A 104 -19.61 5.78 12.24
C GLU A 104 -18.88 7.10 12.42
N ALA A 105 -17.79 7.29 11.68
CA ALA A 105 -17.07 8.55 11.72
C ALA A 105 -17.91 9.70 11.18
N GLU A 106 -18.61 9.44 10.07
CA GLU A 106 -19.57 10.42 9.56
C GLU A 106 -20.64 10.72 10.57
N GLU A 107 -21.15 9.68 11.22
CA GLU A 107 -22.21 9.88 12.20
C GLU A 107 -21.70 10.77 13.34
N TRP A 108 -20.45 10.53 13.76
CA TRP A 108 -19.86 11.34 14.81
C TRP A 108 -19.79 12.80 14.37
N LEU A 109 -19.31 13.05 13.16
CA LEU A 109 -19.16 14.41 12.66
C LEU A 109 -20.52 15.10 12.60
N ASN A 110 -21.56 14.35 12.22
CA ASN A 110 -22.87 14.97 12.07
C ASN A 110 -23.59 15.23 13.39
N THR A 111 -23.05 14.71 14.49
CA THR A 111 -23.69 14.81 15.79
C THR A 111 -22.82 15.47 16.87
N HIS A 112 -21.70 16.04 16.46
CA HIS A 112 -20.80 16.71 17.40
C HIS A 112 -20.26 17.99 16.81
N THR A 113 -19.83 18.90 17.70
CA THR A 113 -19.06 20.06 17.30
C THR A 113 -17.63 19.84 17.77
N TYR A 114 -16.69 20.60 17.21
CA TYR A 114 -15.30 20.50 17.62
C TYR A 114 -14.57 21.81 17.34
N GLU A 115 -13.50 22.04 18.09
CA GLU A 115 -12.78 23.30 18.00
C GLU A 115 -11.49 23.15 17.20
N THR A 116 -11.08 21.90 17.01
CA THR A 116 -9.78 21.58 16.43
C THR A 116 -9.59 22.11 15.01
N PRO A 117 -8.57 22.96 14.80
CA PRO A 117 -8.26 23.31 13.41
C PRO A 117 -7.66 22.10 12.67
N ILE A 118 -8.09 21.85 11.45
CA ILE A 118 -7.58 20.75 10.64
C ILE A 118 -6.73 21.36 9.53
N LEU A 119 -5.43 21.10 9.59
CA LEU A 119 -4.47 21.79 8.74
C LEU A 119 -3.80 20.82 7.78
N LYS A 120 -3.48 21.30 6.59
CA LYS A 120 -2.75 20.52 5.60
C LYS A 120 -1.26 20.53 5.91
N TRP A 121 -0.67 19.34 6.10
CA TRP A 121 0.76 19.22 6.26
C TRP A 121 1.41 19.40 4.89
N GLN A 122 2.41 20.29 4.81
CA GLN A 122 3.05 20.62 3.55
CA GLN A 122 3.03 20.57 3.52
C GLN A 122 4.36 19.84 3.39
N THR A 123 4.30 18.65 2.82
CA THR A 123 5.44 17.77 2.72
C THR A 123 6.55 18.40 1.89
N ASP A 124 6.17 19.11 0.82
CA ASP A 124 7.14 19.75 -0.05
CA ASP A 124 7.16 19.73 -0.04
C ASP A 124 7.93 20.84 0.68
N LYS A 125 7.33 21.42 1.70
CA LYS A 125 7.99 22.45 2.49
C LYS A 125 8.68 21.90 3.73
N TRP A 126 8.06 20.92 4.38
CA TRP A 126 8.42 20.56 5.75
C TRP A 126 8.95 19.15 5.91
N GLY A 127 9.02 18.40 4.82
CA GLY A 127 9.47 17.02 4.91
C GLY A 127 8.36 16.10 5.38
N GLU A 128 8.75 14.92 5.85
CA GLU A 128 7.80 13.87 6.23
CA GLU A 128 7.79 13.87 6.20
C GLU A 128 6.86 14.26 7.35
N ILE A 129 5.58 13.91 7.22
CA ILE A 129 4.68 14.11 8.35
C ILE A 129 5.16 13.15 9.46
N LYS A 130 5.06 13.58 10.72
CA LYS A 130 5.67 12.87 11.86
C LYS A 130 5.07 11.48 12.07
N ALA A 131 3.84 11.28 11.61
CA ALA A 131 3.16 10.00 11.76
C ALA A 131 3.41 9.04 10.59
N ASP A 132 4.31 9.41 9.69
CA ASP A 132 4.65 8.59 8.52
C ASP A 132 5.11 7.19 8.93
N TYR A 133 4.64 6.19 8.21
CA TYR A 133 5.01 4.81 8.52
C TYR A 133 6.35 4.44 7.90
N GLY A 134 6.81 5.26 6.96
CA GLY A 134 8.11 5.06 6.36
C GLY A 134 8.24 3.74 5.62
N GLU B 1 -8.08 -2.42 -18.54
CA GLU B 1 -8.26 -1.13 -19.19
C GLU B 1 -8.22 0.01 -18.19
N GLU B 2 -7.39 1.02 -18.46
CA GLU B 2 -6.56 1.10 -19.66
C GLU B 2 -5.07 1.06 -19.28
N ILE B 3 -4.18 0.98 -20.28
CA ILE B 3 -2.76 0.78 -19.98
C ILE B 3 -2.08 2.01 -19.39
N ILE B 4 -1.36 1.80 -18.30
CA ILE B 4 -0.57 2.85 -17.66
C ILE B 4 0.87 2.67 -18.09
N TRP B 5 1.35 3.56 -18.95
CA TRP B 5 2.69 3.38 -19.52
C TRP B 5 3.78 3.64 -18.50
N GLU B 6 3.49 4.54 -17.56
CA GLU B 6 4.43 4.89 -16.51
C GLU B 6 4.35 3.86 -15.40
N SER B 7 4.90 2.68 -15.68
CA SER B 7 4.73 1.54 -14.79
C SER B 7 5.92 0.59 -14.92
N LEU B 8 5.92 -0.45 -14.08
CA LEU B 8 6.93 -1.49 -14.13
C LEU B 8 6.22 -2.81 -14.43
N SER B 9 6.75 -3.59 -15.38
CA SER B 9 6.16 -4.87 -15.70
C SER B 9 7.10 -5.98 -15.27
N VAL B 10 6.55 -7.05 -14.68
CA VAL B 10 7.38 -8.17 -14.27
C VAL B 10 7.00 -9.38 -15.07
N ASP B 11 7.99 -10.22 -15.34
CA ASP B 11 7.65 -11.44 -16.01
CA ASP B 11 7.80 -11.38 -16.19
C ASP B 11 8.65 -12.53 -15.67
N VAL B 12 8.13 -13.74 -15.75
CA VAL B 12 8.86 -14.90 -15.32
C VAL B 12 9.07 -15.78 -16.54
N GLY B 13 10.26 -16.34 -16.64
CA GLY B 13 10.54 -17.38 -17.62
C GLY B 13 10.70 -18.68 -16.85
N SER B 14 9.92 -19.70 -17.23
CA SER B 14 10.06 -21.02 -16.64
C SER B 14 10.54 -22.03 -17.68
N GLN B 15 11.46 -22.90 -17.29
CA GLN B 15 11.82 -24.05 -18.10
C GLN B 15 11.35 -25.27 -17.32
N GLY B 16 10.10 -25.67 -17.55
CA GLY B 16 9.48 -26.69 -16.76
C GLY B 16 8.77 -26.07 -15.57
N ASN B 17 7.71 -26.71 -15.12
CA ASN B 17 6.93 -26.26 -13.96
C ASN B 17 6.48 -27.48 -13.16
N PRO B 18 7.21 -27.81 -12.07
CA PRO B 18 8.36 -27.12 -11.49
C PRO B 18 9.60 -27.25 -12.36
N GLY B 19 10.45 -26.23 -12.35
CA GLY B 19 11.66 -26.22 -13.15
C GLY B 19 12.47 -24.98 -12.87
N ILE B 20 13.39 -24.65 -13.78
CA ILE B 20 14.21 -23.46 -13.63
C ILE B 20 13.33 -22.22 -13.73
N VAL B 21 13.47 -21.31 -12.76
CA VAL B 21 12.69 -20.08 -12.77
C VAL B 21 13.60 -18.84 -12.71
N GLU B 22 13.26 -17.86 -13.54
CA GLU B 22 13.95 -16.59 -13.51
C GLU B 22 12.90 -15.52 -13.73
N TYR B 23 13.24 -14.28 -13.41
CA TYR B 23 12.32 -13.18 -13.66
C TYR B 23 13.08 -11.88 -13.85
N LYS B 24 12.40 -10.91 -14.43
CA LYS B 24 12.96 -9.58 -14.45
C LYS B 24 11.85 -8.56 -14.37
N GLY B 25 12.24 -7.34 -14.04
CA GLY B 25 11.29 -6.24 -14.01
C GLY B 25 11.75 -5.23 -15.03
N VAL B 26 10.82 -4.75 -15.84
CA VAL B 26 11.18 -3.85 -16.92
C VAL B 26 10.30 -2.60 -16.93
N ASP B 27 10.84 -1.51 -17.45
CA ASP B 27 10.05 -0.31 -17.65
C ASP B 27 9.06 -0.57 -18.78
N THR B 28 7.77 -0.44 -18.49
CA THR B 28 6.73 -0.77 -19.47
C THR B 28 6.86 0.08 -20.73
N LYS B 29 7.31 1.32 -20.55
CA LYS B 29 7.52 2.23 -21.67
C LYS B 29 8.77 1.86 -22.46
N THR B 30 9.92 2.01 -21.81
CA THR B 30 11.22 1.98 -22.46
C THR B 30 11.74 0.57 -22.74
N GLY B 31 11.14 -0.42 -22.09
CA GLY B 31 11.57 -1.81 -22.20
C GLY B 31 12.83 -2.10 -21.41
N GLU B 32 13.39 -1.06 -20.79
CA GLU B 32 14.64 -1.15 -20.04
C GLU B 32 14.54 -2.11 -18.87
N VAL B 33 15.50 -3.02 -18.77
CA VAL B 33 15.53 -3.94 -17.63
C VAL B 33 15.96 -3.19 -16.37
N LEU B 34 15.11 -3.23 -15.34
CA LEU B 34 15.36 -2.47 -14.12
C LEU B 34 15.89 -3.35 -13.00
N PHE B 35 15.46 -4.61 -12.98
CA PHE B 35 16.06 -5.60 -12.10
C PHE B 35 15.89 -6.98 -12.70
N GLU B 36 16.75 -7.90 -12.31
CA GLU B 36 16.60 -9.27 -12.74
C GLU B 36 17.11 -10.25 -11.72
N ARG B 37 16.61 -11.48 -11.83
CA ARG B 37 16.92 -12.55 -10.91
C ARG B 37 17.58 -13.65 -11.72
N GLU B 38 18.76 -14.06 -11.30
CA GLU B 38 19.43 -15.15 -11.99
C GLU B 38 18.68 -16.46 -11.75
N PRO B 39 18.71 -17.37 -12.76
CA PRO B 39 17.91 -18.60 -12.69
C PRO B 39 18.04 -19.39 -11.39
N ILE B 40 16.89 -19.82 -10.88
CA ILE B 40 16.80 -20.67 -9.70
C ILE B 40 16.49 -22.07 -10.23
N PRO B 41 17.33 -23.06 -9.90
CA PRO B 41 17.21 -24.38 -10.52
C PRO B 41 15.82 -25.02 -10.40
N ILE B 42 15.17 -24.90 -9.25
CA ILE B 42 13.85 -25.50 -9.08
C ILE B 42 12.88 -24.58 -8.35
N GLY B 43 11.75 -24.30 -8.99
CA GLY B 43 10.69 -23.48 -8.41
C GLY B 43 9.47 -23.62 -9.29
N THR B 44 8.31 -23.15 -8.83
CA THR B 44 7.13 -23.16 -9.67
C THR B 44 6.97 -21.81 -10.35
N ASN B 45 6.20 -21.80 -11.43
CA ASN B 45 5.92 -20.57 -12.13
CA ASN B 45 5.87 -20.56 -12.13
C ASN B 45 5.27 -19.54 -11.19
N ASN B 46 4.29 -19.98 -10.40
CA ASN B 46 3.62 -19.08 -9.47
C ASN B 46 4.56 -18.51 -8.42
N MET B 47 5.47 -19.32 -7.92
CA MET B 47 6.45 -18.82 -6.96
C MET B 47 7.31 -17.75 -7.61
N GLY B 48 7.71 -17.95 -8.86
CA GLY B 48 8.50 -16.95 -9.55
C GLY B 48 7.73 -15.65 -9.72
N GLU B 49 6.46 -15.75 -10.09
CA GLU B 49 5.61 -14.58 -10.28
C GLU B 49 5.43 -13.81 -8.97
N PHE B 50 5.28 -14.54 -7.88
CA PHE B 50 5.19 -13.95 -6.53
C PHE B 50 6.48 -13.22 -6.17
N LEU B 51 7.62 -13.89 -6.31
CA LEU B 51 8.90 -13.22 -6.06
C LEU B 51 9.09 -11.98 -6.91
N ALA B 52 8.69 -12.03 -8.17
CA ALA B 52 8.89 -10.90 -9.07
C ALA B 52 8.08 -9.68 -8.61
N ILE B 53 6.84 -9.89 -8.17
CA ILE B 53 6.04 -8.77 -7.68
C ILE B 53 6.66 -8.16 -6.44
N VAL B 54 7.07 -8.99 -5.49
CA VAL B 54 7.61 -8.49 -4.23
C VAL B 54 8.94 -7.77 -4.48
N HIS B 55 9.77 -8.33 -5.37
CA HIS B 55 10.99 -7.64 -5.77
C HIS B 55 10.64 -6.27 -6.34
N GLY B 56 9.61 -6.20 -7.19
CA GLY B 56 9.13 -4.93 -7.72
C GLY B 56 8.70 -3.94 -6.64
N LEU B 57 7.95 -4.42 -5.65
CA LEU B 57 7.51 -3.58 -4.53
C LEU B 57 8.71 -3.01 -3.78
N ARG B 58 9.71 -3.84 -3.51
CA ARG B 58 10.89 -3.38 -2.79
CA ARG B 58 10.91 -3.39 -2.80
C ARG B 58 11.70 -2.40 -3.63
N TYR B 59 11.88 -2.72 -4.91
CA TYR B 59 12.58 -1.84 -5.84
C TYR B 59 11.93 -0.46 -5.90
N LEU B 60 10.62 -0.44 -6.09
CA LEU B 60 9.91 0.83 -6.21
C LEU B 60 9.90 1.62 -4.89
N LYS B 61 9.82 0.91 -3.78
CA LYS B 61 9.84 1.58 -2.48
C LYS B 61 11.18 2.26 -2.25
N GLU B 62 12.26 1.57 -2.59
CA GLU B 62 13.63 2.11 -2.41
C GLU B 62 13.81 3.34 -3.28
N ARG B 63 13.24 3.28 -4.48
CA ARG B 63 13.36 4.35 -5.47
C ARG B 63 12.41 5.50 -5.15
N ASN B 64 11.44 5.25 -4.27
CA ASN B 64 10.33 6.15 -4.00
C ASN B 64 9.53 6.48 -5.26
N SER B 65 9.30 5.46 -6.08
CA SER B 65 8.56 5.62 -7.33
C SER B 65 7.10 5.24 -7.17
N ARG B 66 6.21 6.03 -7.77
CA ARG B 66 4.78 5.74 -7.77
C ARG B 66 4.30 4.81 -8.88
N LYS B 67 5.22 4.26 -9.67
CA LYS B 67 4.84 3.33 -10.74
C LYS B 67 3.98 2.20 -10.21
N PRO B 68 2.89 1.87 -10.93
CA PRO B 68 2.23 0.59 -10.70
C PRO B 68 3.09 -0.57 -11.19
N ILE B 69 2.79 -1.75 -10.69
CA ILE B 69 3.39 -2.98 -11.19
C ILE B 69 2.35 -3.71 -12.03
N TYR B 70 2.75 -4.16 -13.22
CA TYR B 70 1.93 -5.08 -13.98
C TYR B 70 2.47 -6.50 -13.88
N SER B 71 1.58 -7.45 -13.63
CA SER B 71 1.90 -8.87 -13.60
C SER B 71 0.86 -9.61 -14.42
N ASN B 72 1.28 -10.69 -15.07
CA ASN B 72 0.33 -11.51 -15.81
C ASN B 72 -0.27 -12.64 -14.96
N SER B 73 0.05 -12.65 -13.68
CA SER B 73 -0.33 -13.77 -12.83
C SER B 73 -1.38 -13.38 -11.80
N GLN B 74 -2.64 -13.69 -12.07
CA GLN B 74 -3.70 -13.44 -11.11
C GLN B 74 -3.42 -14.17 -9.79
N THR B 75 -2.84 -15.37 -9.87
CA THR B 75 -2.49 -16.11 -8.67
C THR B 75 -1.48 -15.37 -7.78
N ALA B 76 -0.40 -14.91 -8.40
CA ALA B 76 0.63 -14.19 -7.65
C ALA B 76 0.11 -12.88 -7.08
N ILE B 77 -0.75 -12.18 -7.83
CA ILE B 77 -1.36 -10.95 -7.34
C ILE B 77 -2.16 -11.25 -6.07
N LYS B 78 -2.91 -12.35 -6.09
CA LYS B 78 -3.68 -12.76 -4.90
C LYS B 78 -2.76 -13.12 -3.74
N TRP B 79 -1.71 -13.89 -4.00
CA TRP B 79 -0.78 -14.26 -2.94
C TRP B 79 -0.16 -13.02 -2.29
N VAL B 80 0.18 -12.01 -3.08
CA VAL B 80 0.72 -10.79 -2.51
C VAL B 80 -0.31 -10.10 -1.62
N LYS B 81 -1.55 -10.00 -2.10
CA LYS B 81 -2.63 -9.41 -1.30
C LYS B 81 -2.84 -10.19 0.00
N ASP B 82 -2.79 -11.52 -0.08
CA ASP B 82 -2.97 -12.37 1.11
C ASP B 82 -1.74 -12.41 2.00
N LYS B 83 -0.62 -11.89 1.51
CA LYS B 83 0.67 -12.02 2.18
C LYS B 83 1.05 -13.49 2.45
N LYS B 84 0.64 -14.36 1.52
CA LYS B 84 0.83 -15.78 1.71
C LYS B 84 0.91 -16.44 0.35
N ALA B 85 2.08 -16.99 0.03
CA ALA B 85 2.25 -17.74 -1.20
C ALA B 85 1.78 -19.17 -0.96
N LYS B 86 0.58 -19.47 -1.43
CA LYS B 86 -0.07 -20.74 -1.14
C LYS B 86 0.42 -21.80 -2.13
N SER B 87 1.72 -22.03 -2.14
CA SER B 87 2.33 -23.02 -3.02
C SER B 87 2.30 -24.39 -2.36
N THR B 88 2.14 -25.43 -3.15
CA THR B 88 2.20 -26.78 -2.61
C THR B 88 3.46 -27.51 -3.05
N LEU B 89 4.44 -26.77 -3.57
CA LEU B 89 5.73 -27.33 -3.93
C LEU B 89 6.34 -27.98 -2.70
N VAL B 90 6.83 -29.21 -2.84
CA VAL B 90 7.42 -29.89 -1.71
C VAL B 90 8.61 -29.07 -1.16
N ARG B 91 8.77 -29.11 0.16
CA ARG B 91 9.94 -28.53 0.82
C ARG B 91 10.98 -29.63 1.08
N ASN B 92 12.06 -29.61 0.30
CA ASN B 92 13.20 -30.49 0.53
C ASN B 92 14.50 -29.76 0.19
N GLU B 93 15.62 -30.48 0.09
CA GLU B 93 16.89 -29.80 -0.13
C GLU B 93 16.99 -29.05 -1.46
N GLU B 94 16.42 -29.62 -2.52
CA GLU B 94 16.52 -29.00 -3.83
C GLU B 94 15.51 -27.86 -4.06
N THR B 95 14.48 -27.78 -3.22
CA THR B 95 13.56 -26.65 -3.27
C THR B 95 13.85 -25.67 -2.16
N ALA B 96 14.94 -25.90 -1.42
CA ALA B 96 15.26 -25.06 -0.28
C ALA B 96 15.47 -23.59 -0.65
N LEU B 97 16.13 -23.35 -1.77
CA LEU B 97 16.44 -21.98 -2.17
C LEU B 97 15.17 -21.21 -2.49
N ILE B 98 14.32 -21.77 -3.34
CA ILE B 98 13.12 -21.05 -3.74
C ILE B 98 12.22 -20.80 -2.54
N TRP B 99 12.12 -21.77 -1.63
CA TRP B 99 11.30 -21.60 -0.45
C TRP B 99 11.87 -20.55 0.49
N LYS B 100 13.19 -20.50 0.61
CA LYS B 100 13.82 -19.47 1.44
C LYS B 100 13.47 -18.08 0.91
N LEU B 101 13.58 -17.93 -0.41
CA LEU B 101 13.23 -16.66 -1.03
C LEU B 101 11.75 -16.31 -0.87
N VAL B 102 10.88 -17.31 -1.00
CA VAL B 102 9.44 -17.10 -0.83
C VAL B 102 9.11 -16.70 0.61
N ASP B 103 9.69 -17.41 1.57
CA ASP B 103 9.47 -17.08 2.97
C ASP B 103 9.93 -15.66 3.26
N GLU B 104 11.05 -15.26 2.69
CA GLU B 104 11.58 -13.92 2.94
C GLU B 104 10.76 -12.84 2.25
N ALA B 105 10.17 -13.16 1.10
CA ALA B 105 9.28 -12.21 0.44
C ALA B 105 8.00 -12.04 1.26
N GLU B 106 7.48 -13.13 1.83
CA GLU B 106 6.35 -13.02 2.75
C GLU B 106 6.70 -12.14 3.94
N GLU B 107 7.89 -12.36 4.50
CA GLU B 107 8.31 -11.53 5.63
C GLU B 107 8.44 -10.06 5.26
N TRP B 108 8.92 -9.79 4.05
CA TRP B 108 8.98 -8.39 3.60
C TRP B 108 7.58 -7.80 3.58
N LEU B 109 6.63 -8.51 2.98
CA LEU B 109 5.24 -8.05 2.95
C LEU B 109 4.68 -7.84 4.35
N ASN B 110 5.08 -8.70 5.29
CA ASN B 110 4.56 -8.63 6.66
C ASN B 110 5.12 -7.46 7.46
N THR B 111 6.19 -6.83 6.97
CA THR B 111 6.88 -5.79 7.73
C THR B 111 7.05 -4.46 7.02
N HIS B 112 6.38 -4.29 5.87
CA HIS B 112 6.47 -3.04 5.14
C HIS B 112 5.12 -2.55 4.66
N THR B 113 5.02 -1.24 4.51
CA THR B 113 3.87 -0.65 3.87
C THR B 113 4.21 -0.32 2.43
N TYR B 114 3.17 -0.23 1.61
CA TYR B 114 3.34 0.20 0.22
C TYR B 114 1.99 0.68 -0.31
N GLU B 115 2.04 1.56 -1.30
CA GLU B 115 0.82 2.02 -1.97
CA GLU B 115 0.83 2.03 -1.97
C GLU B 115 0.78 1.58 -3.42
N THR B 116 1.86 0.97 -3.89
CA THR B 116 1.96 0.54 -5.29
C THR B 116 0.74 -0.25 -5.77
N PRO B 117 0.06 0.24 -6.82
CA PRO B 117 -1.00 -0.55 -7.47
C PRO B 117 -0.38 -1.78 -8.12
N ILE B 118 -1.02 -2.92 -7.93
CA ILE B 118 -0.52 -4.16 -8.54
C ILE B 118 -1.61 -4.61 -9.49
N LEU B 119 -1.33 -4.48 -10.78
CA LEU B 119 -2.37 -4.60 -11.78
C LEU B 119 -2.17 -5.83 -12.67
N LYS B 120 -3.29 -6.36 -13.17
CA LYS B 120 -3.26 -7.50 -14.06
C LYS B 120 -2.98 -7.04 -15.49
N TRP B 121 -1.92 -7.58 -16.08
CA TRP B 121 -1.62 -7.31 -17.48
C TRP B 121 -2.67 -7.99 -18.36
N GLN B 122 -3.07 -7.33 -19.44
CA GLN B 122 -4.09 -7.86 -20.34
C GLN B 122 -3.48 -8.15 -21.70
N THR B 123 -2.98 -9.36 -21.90
CA THR B 123 -2.27 -9.69 -23.13
C THR B 123 -3.15 -9.55 -24.36
N ASP B 124 -4.42 -9.88 -24.23
CA ASP B 124 -5.35 -9.83 -25.35
CA ASP B 124 -5.34 -9.83 -25.37
C ASP B 124 -5.56 -8.41 -25.88
N LYS B 125 -5.28 -7.41 -25.03
CA LYS B 125 -5.47 -6.02 -25.43
C LYS B 125 -4.17 -5.29 -25.72
N TRP B 126 -3.11 -5.64 -24.97
CA TRP B 126 -1.91 -4.82 -24.98
C TRP B 126 -0.70 -5.55 -25.52
N GLY B 127 -0.88 -6.79 -25.95
CA GLY B 127 0.24 -7.56 -26.45
C GLY B 127 1.07 -8.13 -25.32
N GLU B 128 2.32 -8.47 -25.63
CA GLU B 128 3.18 -9.18 -24.70
C GLU B 128 3.52 -8.31 -23.50
N ILE B 129 3.60 -8.92 -22.32
CA ILE B 129 4.06 -8.14 -21.18
C ILE B 129 5.51 -7.77 -21.49
N LYS B 130 5.84 -6.51 -21.22
CA LYS B 130 7.11 -5.94 -21.66
C LYS B 130 8.30 -6.81 -21.28
N ALA B 131 9.20 -6.97 -22.24
CA ALA B 131 10.25 -7.98 -22.20
C ALA B 131 9.77 -9.30 -21.58
N ASP B 132 8.72 -9.88 -22.17
CA ASP B 132 8.40 -11.27 -21.86
C ASP B 132 9.62 -12.08 -22.28
N TYR B 133 9.94 -13.16 -21.57
CA TYR B 133 11.12 -13.94 -21.93
C TYR B 133 10.98 -14.54 -23.33
N GLY B 134 9.81 -15.11 -23.61
CA GLY B 134 9.55 -15.70 -24.91
C GLY B 134 9.62 -17.22 -24.88
#